data_5F48
#
_entry.id   5F48
#
_cell.length_a   46.133
_cell.length_b   80.187
_cell.length_c   53.926
_cell.angle_alpha   90.00
_cell.angle_beta   91.97
_cell.angle_gamma   90.00
#
_symmetry.space_group_name_H-M   'P 1 21 1'
#
loop_
_entity.id
_entity.type
_entity.pdbx_description
1 polymer 'aminoglycoside acetyltransferase meta-AAC0020'
2 non-polymer 'MAGNESIUM ION'
3 non-polymer 'CHLORIDE ION'
4 non-polymer 'COENZYME A'
5 water water
#
_entity_poly.entity_id   1
_entity_poly.type   'polypeptide(L)'
_entity_poly.pdbx_seq_one_letter_code
;MGQNMEIDNFLKIERLAENDLPKFIQLIRLFEAVFEMKNFSIPDSEHLQKLLNQNNFYVFVALLENKIVGGLTSYVLEQY
YSEKPLAYIYDLAVDTNWQRQGIGKKLITATNQFYTEKGFEEVFVQADKVDDYALDFYRSTKPTAEEQVVHFYYTLK
;
_entity_poly.pdbx_strand_id   A,B
#
loop_
_chem_comp.id
_chem_comp.type
_chem_comp.name
_chem_comp.formula
CL non-polymer 'CHLORIDE ION' 'Cl -1'
COA non-polymer 'COENZYME A' 'C21 H36 N7 O16 P3 S'
MG non-polymer 'MAGNESIUM ION' 'Mg 2'
#
# COMPACT_ATOMS: atom_id res chain seq x y z
N ASP A 8 -12.23 -3.94 31.17
CA ASP A 8 -12.49 -3.65 29.76
C ASP A 8 -12.96 -2.22 29.56
N ASN A 9 -13.73 -1.70 30.51
CA ASN A 9 -14.18 -0.29 30.51
C ASN A 9 -13.01 0.66 30.47
N PHE A 10 -11.89 0.17 30.99
CA PHE A 10 -10.69 0.97 31.12
C PHE A 10 -10.00 1.20 29.77
N LEU A 11 -10.15 0.26 28.85
CA LEU A 11 -9.47 0.41 27.55
C LEU A 11 -10.27 1.36 26.68
N LYS A 12 -9.58 2.33 26.08
CA LYS A 12 -10.21 3.22 25.11
C LYS A 12 -9.51 3.12 23.75
N ILE A 13 -10.28 3.11 22.67
CA ILE A 13 -9.69 3.21 21.34
C ILE A 13 -9.90 4.60 20.76
N GLU A 14 -8.82 5.22 20.31
CA GLU A 14 -8.88 6.58 19.80
C GLU A 14 -8.23 6.66 18.41
N ARG A 15 -8.93 7.31 17.48
CA ARG A 15 -8.36 7.60 16.18
C ARG A 15 -7.67 8.95 16.30
N LEU A 16 -6.37 8.97 16.09
CA LEU A 16 -5.61 10.20 16.28
C LEU A 16 -6.06 11.28 15.32
N ALA A 17 -6.06 12.52 15.82
CA ALA A 17 -6.36 13.71 15.04
C ALA A 17 -5.07 14.44 14.73
N GLU A 18 -5.17 15.54 13.98
CA GLU A 18 -3.98 16.26 13.51
C GLU A 18 -3.20 16.91 14.67
N ASN A 19 -3.85 17.07 15.83
CA ASN A 19 -3.12 17.62 16.99
C ASN A 19 -2.64 16.53 17.96
N ASP A 20 -2.52 15.31 17.48
CA ASP A 20 -2.11 14.20 18.36
C ASP A 20 -0.66 13.74 18.18
N LEU A 21 0.25 14.63 17.78
CA LEU A 21 1.66 14.24 17.61
C LEU A 21 2.27 13.49 18.82
N PRO A 22 2.08 14.00 20.06
CA PRO A 22 2.63 13.26 21.21
C PRO A 22 2.15 11.80 21.28
N LYS A 23 0.89 11.54 21.00
CA LYS A 23 0.38 10.17 20.97
C LYS A 23 0.97 9.37 19.81
N PHE A 24 1.12 10.01 18.64
CA PHE A 24 1.76 9.36 17.49
C PHE A 24 3.17 8.93 17.85
N ILE A 25 3.92 9.81 18.52
CA ILE A 25 5.30 9.50 18.90
C ILE A 25 5.35 8.37 19.94
N GLN A 26 4.40 8.35 20.87
CA GLN A 26 4.33 7.25 21.82
C GLN A 26 4.14 5.93 21.09
N LEU A 27 3.27 5.94 20.08
CA LEU A 27 2.99 4.73 19.32
C LEU A 27 4.23 4.27 18.56
N ILE A 28 4.96 5.22 18.00
CA ILE A 28 6.16 4.89 17.24
C ILE A 28 7.17 4.23 18.16
N ARG A 29 7.25 4.72 19.40
CA ARG A 29 8.16 4.16 20.39
C ARG A 29 7.73 2.76 20.82
N LEU A 30 6.43 2.52 20.79
CA LEU A 30 5.89 1.20 21.08
C LEU A 30 6.32 0.25 19.94
N PHE A 31 6.11 0.68 18.70
CA PHE A 31 6.60 -0.04 17.52
C PHE A 31 8.08 -0.39 17.66
N GLU A 32 8.88 0.63 17.95
CA GLU A 32 10.32 0.47 18.13
C GLU A 32 10.65 -0.64 19.10
N ALA A 33 9.95 -0.64 20.23
CA ALA A 33 10.19 -1.64 21.26
C ALA A 33 9.64 -3.02 20.85
N VAL A 34 8.38 -3.07 20.43
CA VAL A 34 7.74 -4.35 20.17
C VAL A 34 8.38 -5.04 18.95
N PHE A 35 8.74 -4.26 17.94
CA PHE A 35 9.36 -4.84 16.74
C PHE A 35 10.85 -5.07 16.95
N GLU A 36 11.34 -4.73 18.14
CA GLU A 36 12.76 -4.84 18.48
C GLU A 36 13.67 -4.17 17.44
N MET A 37 13.35 -2.92 17.11
CA MET A 37 14.17 -2.12 16.21
C MET A 37 15.40 -1.60 16.94
N LYS A 38 16.58 -1.91 16.41
CA LYS A 38 17.85 -1.49 17.01
C LYS A 38 18.41 -0.26 16.33
N ASN A 39 19.03 0.62 17.11
CA ASN A 39 19.69 1.82 16.59
C ASN A 39 18.75 2.69 15.77
N PHE A 40 17.48 2.69 16.15
CA PHE A 40 16.48 3.53 15.51
C PHE A 40 16.62 5.00 15.89
N SER A 41 16.65 5.87 14.88
CA SER A 41 16.64 7.32 15.09
C SER A 41 15.32 7.85 14.58
N ILE A 42 14.48 8.35 15.48
CA ILE A 42 13.14 8.76 15.09
C ILE A 42 13.22 9.98 14.20
N PRO A 43 12.41 10.03 13.13
CA PRO A 43 12.36 11.21 12.26
C PRO A 43 12.02 12.49 13.02
N ASP A 44 12.36 13.66 12.49
CA ASP A 44 12.12 14.89 13.21
C ASP A 44 10.61 15.14 13.29
N SER A 45 10.20 15.92 14.27
CA SER A 45 8.78 16.05 14.57
C SER A 45 8.04 16.79 13.47
N GLU A 46 8.73 17.63 12.72
CA GLU A 46 8.09 18.31 11.60
C GLU A 46 7.64 17.27 10.54
N HIS A 47 8.48 16.27 10.29
CA HIS A 47 8.10 15.22 9.34
C HIS A 47 6.89 14.42 9.80
N LEU A 48 6.93 14.00 11.06
CA LEU A 48 5.86 13.21 11.65
C LEU A 48 4.56 14.00 11.67
N GLN A 49 4.64 15.29 11.98
CA GLN A 49 3.45 16.13 12.01
C GLN A 49 2.80 16.19 10.63
N LYS A 50 3.62 16.41 9.60
CA LYS A 50 3.16 16.50 8.22
C LYS A 50 2.43 15.22 7.84
N LEU A 51 2.98 14.08 8.25
CA LEU A 51 2.37 12.78 8.01
C LEU A 51 1.01 12.65 8.70
N LEU A 52 0.95 13.10 9.96
CA LEU A 52 -0.26 12.96 10.75
C LEU A 52 -1.35 13.85 10.14
N ASN A 53 -0.91 14.96 9.53
CA ASN A 53 -1.80 15.90 8.88
C ASN A 53 -2.44 15.35 7.59
N GLN A 54 -1.84 14.33 6.98
CA GLN A 54 -2.33 13.83 5.68
C GLN A 54 -3.75 13.30 5.77
N ASN A 55 -4.54 13.51 4.73
CA ASN A 55 -5.93 13.05 4.75
C ASN A 55 -6.09 11.58 4.33
N ASN A 56 -4.97 10.91 4.08
CA ASN A 56 -4.99 9.55 3.55
C ASN A 56 -4.24 8.58 4.47
N PHE A 57 -4.12 8.97 5.72
CA PHE A 57 -3.34 8.23 6.70
C PHE A 57 -4.13 8.29 8.00
N TYR A 58 -4.36 7.15 8.64
CA TYR A 58 -5.10 7.15 9.91
C TYR A 58 -4.47 6.20 10.92
N VAL A 59 -4.35 6.70 12.13
CA VAL A 59 -3.71 5.98 13.19
C VAL A 59 -4.73 5.75 14.26
N PHE A 60 -4.78 4.52 14.74
CA PHE A 60 -5.66 4.15 15.83
C PHE A 60 -4.79 3.73 16.98
N VAL A 61 -5.12 4.17 18.20
CA VAL A 61 -4.37 3.71 19.36
C VAL A 61 -5.27 3.14 20.43
N ALA A 62 -4.67 2.35 21.32
CA ALA A 62 -5.38 1.81 22.48
C ALA A 62 -4.80 2.46 23.70
N LEU A 63 -5.67 2.96 24.57
CA LEU A 63 -5.23 3.70 25.75
C LEU A 63 -5.73 3.11 27.07
N LEU A 64 -4.83 3.01 28.03
CA LEU A 64 -5.18 2.83 29.44
C LEU A 64 -4.75 4.11 30.15
N GLU A 65 -5.73 4.87 30.64
CA GLU A 65 -5.52 6.27 31.03
C GLU A 65 -5.07 7.03 29.79
N ASN A 66 -3.90 7.66 29.84
CA ASN A 66 -3.32 8.17 28.60
C ASN A 66 -1.97 7.47 28.39
N LYS A 67 -1.89 6.21 28.79
CA LYS A 67 -0.76 5.36 28.39
C LYS A 67 -1.16 4.54 27.16
N ILE A 68 -0.45 4.76 26.06
CA ILE A 68 -0.64 4.00 24.83
C ILE A 68 -0.17 2.56 24.99
N VAL A 69 -1.07 1.60 24.84
CA VAL A 69 -0.65 0.21 25.05
C VAL A 69 -0.73 -0.62 23.78
N GLY A 70 -1.15 0.01 22.69
CA GLY A 70 -1.08 -0.58 21.36
C GLY A 70 -1.62 0.40 20.34
N GLY A 71 -1.42 0.09 19.07
CA GLY A 71 -2.00 0.91 18.02
C GLY A 71 -1.76 0.34 16.63
N LEU A 72 -2.35 0.96 15.64
CA LEU A 72 -2.07 0.56 14.27
C LEU A 72 -2.06 1.75 13.34
N THR A 73 -1.35 1.61 12.23
CA THR A 73 -1.28 2.66 11.22
C THR A 73 -1.93 2.18 9.97
N SER A 74 -2.58 3.10 9.24
CA SER A 74 -3.20 2.70 7.99
C SER A 74 -3.20 3.78 6.91
N TYR A 75 -3.19 3.33 5.66
CA TYR A 75 -3.14 4.19 4.49
C TYR A 75 -4.39 4.00 3.63
N VAL A 76 -4.94 5.11 3.17
CA VAL A 76 -6.04 5.10 2.23
C VAL A 76 -5.46 4.96 0.81
N LEU A 77 -5.96 4.00 0.05
CA LEU A 77 -5.57 3.90 -1.37
C LEU A 77 -6.80 4.16 -2.25
N GLU A 78 -6.87 5.33 -2.86
CA GLU A 78 -7.98 5.62 -3.76
C GLU A 78 -7.88 4.70 -4.97
N GLN A 79 -9.01 4.15 -5.40
CA GLN A 79 -9.03 3.20 -6.49
C GLN A 79 -9.38 3.82 -7.83
N TYR A 80 -8.91 3.18 -8.90
CA TYR A 80 -9.39 3.49 -10.24
C TYR A 80 -10.35 2.42 -10.73
N TYR A 81 -10.46 1.31 -10.01
CA TYR A 81 -11.41 0.26 -10.39
C TYR A 81 -12.77 0.56 -9.80
N SER A 82 -12.78 1.35 -8.74
CA SER A 82 -14.00 1.68 -8.02
C SER A 82 -13.91 3.07 -7.39
N GLU A 83 -15.06 3.70 -7.18
CA GLU A 83 -15.11 4.96 -6.45
C GLU A 83 -14.84 4.76 -4.96
N LYS A 84 -15.06 3.55 -4.46
CA LYS A 84 -14.82 3.26 -3.04
C LYS A 84 -13.35 2.94 -2.81
N PRO A 85 -12.72 3.59 -1.82
CA PRO A 85 -11.29 3.37 -1.56
C PRO A 85 -10.97 2.06 -0.82
N LEU A 86 -9.69 1.73 -0.81
CA LEU A 86 -9.16 0.62 -0.02
C LEU A 86 -8.39 1.21 1.15
N ALA A 87 -8.34 0.49 2.26
CA ALA A 87 -7.44 0.86 3.32
C ALA A 87 -6.42 -0.24 3.54
N TYR A 88 -5.18 0.18 3.78
CA TYR A 88 -4.04 -0.70 3.94
C TYR A 88 -3.54 -0.54 5.36
N ILE A 89 -3.79 -1.54 6.20
CA ILE A 89 -3.23 -1.55 7.53
C ILE A 89 -1.76 -1.93 7.44
N TYR A 90 -0.90 -1.01 7.87
CA TYR A 90 0.54 -1.19 7.70
C TYR A 90 1.20 -1.85 8.89
N ASP A 91 1.14 -1.19 10.03
CA ASP A 91 1.69 -1.75 11.24
C ASP A 91 0.59 -1.99 12.28
N LEU A 92 0.75 -3.03 13.08
CA LEU A 92 -0.09 -3.23 14.26
C LEU A 92 0.77 -3.82 15.35
N ALA A 93 0.67 -3.28 16.56
CA ALA A 93 1.39 -3.86 17.67
C ALA A 93 0.71 -3.55 19.00
N VAL A 94 0.97 -4.38 19.98
CA VAL A 94 0.44 -4.20 21.33
C VAL A 94 1.59 -4.40 22.29
N ASP A 95 1.64 -3.55 23.32
CA ASP A 95 2.62 -3.65 24.38
C ASP A 95 2.72 -5.07 24.90
N THR A 96 3.95 -5.58 24.99
CA THR A 96 4.18 -6.99 25.29
C THR A 96 3.61 -7.34 26.66
N ASN A 97 3.58 -6.35 27.54
CA ASN A 97 2.98 -6.55 28.86
C ASN A 97 1.46 -6.63 28.79
N TRP A 98 0.89 -6.23 27.66
CA TRP A 98 -0.56 -6.16 27.57
C TRP A 98 -1.15 -7.05 26.49
N GLN A 99 -0.33 -7.92 25.92
CA GLN A 99 -0.79 -8.77 24.83
C GLN A 99 -1.73 -9.88 25.34
N ARG A 100 -2.47 -10.49 24.44
CA ARG A 100 -3.48 -11.50 24.78
C ARG A 100 -4.55 -10.98 25.74
N GLN A 101 -5.00 -9.74 25.54
CA GLN A 101 -6.09 -9.20 26.37
C GLN A 101 -7.24 -8.69 25.51
N GLY A 102 -7.15 -8.91 24.19
CA GLY A 102 -8.20 -8.48 23.29
C GLY A 102 -7.97 -7.10 22.69
N ILE A 103 -6.81 -6.53 22.95
CA ILE A 103 -6.52 -5.17 22.47
C ILE A 103 -6.37 -5.16 20.95
N GLY A 104 -5.52 -6.04 20.43
CA GLY A 104 -5.32 -6.14 18.99
C GLY A 104 -6.66 -6.28 18.28
N LYS A 105 -7.49 -7.19 18.75
CA LYS A 105 -8.81 -7.40 18.17
C LYS A 105 -9.65 -6.14 18.20
N LYS A 106 -9.59 -5.39 19.30
CA LYS A 106 -10.43 -4.20 19.40
C LYS A 106 -9.96 -3.15 18.41
N LEU A 107 -8.65 -3.10 18.19
CA LEU A 107 -8.07 -2.16 17.22
C LEU A 107 -8.49 -2.47 15.79
N ILE A 108 -8.48 -3.76 15.45
CA ILE A 108 -8.92 -4.17 14.13
C ILE A 108 -10.42 -3.87 13.94
N THR A 109 -11.21 -4.18 14.96
CA THR A 109 -12.66 -3.93 14.90
C THR A 109 -12.93 -2.44 14.64
N ALA A 110 -12.29 -1.57 15.42
CA ALA A 110 -12.53 -0.13 15.32
C ALA A 110 -12.10 0.37 13.96
N THR A 111 -10.98 -0.14 13.48
CA THR A 111 -10.43 0.29 12.21
C THR A 111 -11.40 -0.08 11.08
N ASN A 112 -11.86 -1.32 11.05
CA ASN A 112 -12.78 -1.73 9.99
C ASN A 112 -14.12 -1.02 10.11
N GLN A 113 -14.54 -0.75 11.35
CA GLN A 113 -15.76 0.03 11.59
C GLN A 113 -15.64 1.45 11.02
N PHE A 114 -14.48 2.09 11.21
CA PHE A 114 -14.25 3.44 10.67
C PHE A 114 -14.31 3.49 9.14
N TYR A 115 -13.58 2.58 8.48
CA TYR A 115 -13.58 2.55 7.03
C TYR A 115 -14.92 2.06 6.46
N THR A 116 -15.65 1.26 7.23
CA THR A 116 -17.02 0.90 6.83
C THR A 116 -17.92 2.14 6.78
N GLU A 117 -17.85 2.98 7.81
CA GLU A 117 -18.72 4.16 7.84
C GLU A 117 -18.28 5.16 6.78
N LYS A 118 -17.01 5.12 6.40
CA LYS A 118 -16.51 5.97 5.32
C LYS A 118 -16.82 5.41 3.94
N GLY A 119 -17.47 4.26 3.89
CA GLY A 119 -17.85 3.64 2.63
C GLY A 119 -16.71 3.04 1.82
N PHE A 120 -15.68 2.54 2.49
CA PHE A 120 -14.57 1.90 1.79
C PHE A 120 -14.98 0.52 1.25
N GLU A 121 -14.28 0.03 0.25
CA GLU A 121 -14.60 -1.28 -0.31
C GLU A 121 -14.07 -2.38 0.60
N GLU A 122 -12.80 -2.27 0.97
CA GLU A 122 -12.17 -3.28 1.81
C GLU A 122 -10.95 -2.76 2.54
N VAL A 123 -10.57 -3.52 3.56
CA VAL A 123 -9.35 -3.25 4.31
C VAL A 123 -8.48 -4.47 4.16
N PHE A 124 -7.18 -4.30 3.95
CA PHE A 124 -6.30 -5.44 3.90
C PHE A 124 -5.07 -5.20 4.76
N VAL A 125 -4.41 -6.29 5.13
CA VAL A 125 -3.31 -6.28 6.07
C VAL A 125 -2.48 -7.53 5.79
N GLN A 126 -1.19 -7.49 6.14
CA GLN A 126 -0.30 -8.59 5.79
C GLN A 126 0.60 -9.00 6.93
N ALA A 127 1.06 -10.23 6.89
CA ALA A 127 2.00 -10.74 7.88
C ALA A 127 3.06 -11.59 7.21
N ASP A 128 4.27 -11.65 7.75
CA ASP A 128 5.29 -12.53 7.19
C ASP A 128 4.89 -13.98 7.44
N LYS A 129 5.16 -14.85 6.48
CA LYS A 129 4.76 -16.24 6.60
C LYS A 129 5.47 -16.88 7.79
N VAL A 130 6.61 -16.33 8.14
CA VAL A 130 7.40 -16.77 9.28
C VAL A 130 6.74 -16.37 10.61
N ASP A 131 5.99 -15.27 10.60
CA ASP A 131 5.44 -14.71 11.84
C ASP A 131 4.22 -15.48 12.36
N ASP A 132 4.47 -16.64 12.98
CA ASP A 132 3.42 -17.54 13.46
C ASP A 132 2.38 -16.87 14.39
N TYR A 133 2.85 -16.00 15.28
CA TYR A 133 1.95 -15.37 16.24
C TYR A 133 1.02 -14.33 15.56
N ALA A 134 1.56 -13.57 14.62
CA ALA A 134 0.75 -12.64 13.83
C ALA A 134 -0.31 -13.37 13.02
N LEU A 135 0.10 -14.46 12.39
CA LEU A 135 -0.79 -15.24 11.56
C LEU A 135 -1.98 -15.75 12.38
N ASP A 136 -1.68 -16.32 13.53
CA ASP A 136 -2.72 -16.80 14.41
C ASP A 136 -3.66 -15.65 14.77
N PHE A 137 -3.09 -14.46 14.98
CA PHE A 137 -3.93 -13.33 15.36
C PHE A 137 -4.87 -12.94 14.22
N TYR A 138 -4.33 -12.70 13.03
CA TYR A 138 -5.19 -12.23 11.94
C TYR A 138 -6.24 -13.27 11.59
N ARG A 139 -5.88 -14.53 11.68
CA ARG A 139 -6.81 -15.61 11.37
C ARG A 139 -7.94 -15.72 12.41
N SER A 140 -7.83 -14.98 13.51
CA SER A 140 -8.88 -15.02 14.51
C SER A 140 -9.81 -13.82 14.37
N THR A 141 -9.58 -12.98 13.37
CA THR A 141 -10.32 -11.74 13.24
C THR A 141 -11.41 -11.81 12.20
N LYS A 142 -11.81 -13.02 11.85
CA LYS A 142 -12.77 -13.26 10.78
C LYS A 142 -12.45 -12.51 9.48
N PRO A 143 -11.22 -12.64 8.98
CA PRO A 143 -10.97 -11.99 7.69
C PRO A 143 -11.83 -12.64 6.61
N THR A 144 -12.14 -11.89 5.56
CA THR A 144 -12.95 -12.44 4.48
C THR A 144 -12.21 -13.56 3.78
N ALA A 145 -10.89 -13.42 3.67
CA ALA A 145 -10.07 -14.41 2.96
C ALA A 145 -8.60 -14.18 3.25
N GLU A 146 -7.78 -15.18 2.95
CA GLU A 146 -6.33 -14.99 2.98
C GLU A 146 -5.72 -15.52 1.70
N GLU A 147 -4.62 -14.92 1.29
CA GLU A 147 -3.95 -15.31 0.06
C GLU A 147 -2.44 -15.38 0.31
N GLN A 148 -1.77 -16.38 -0.24
CA GLN A 148 -0.31 -16.45 -0.16
C GLN A 148 0.29 -15.56 -1.25
N VAL A 149 1.13 -14.61 -0.85
CA VAL A 149 1.71 -13.72 -1.84
C VAL A 149 3.21 -13.62 -1.68
N VAL A 150 3.88 -13.15 -2.72
CA VAL A 150 5.31 -12.94 -2.64
C VAL A 150 5.56 -11.44 -2.75
N HIS A 151 6.37 -10.94 -1.84
CA HIS A 151 6.67 -9.53 -1.69
C HIS A 151 8.06 -9.28 -2.23
N PHE A 152 8.18 -8.44 -3.27
CA PHE A 152 9.50 -8.09 -3.80
C PHE A 152 9.82 -6.65 -3.47
N TYR A 153 11.05 -6.37 -3.09
CA TYR A 153 11.41 -4.96 -2.95
C TYR A 153 12.76 -4.61 -3.58
N TYR A 154 12.84 -3.34 -3.98
CA TYR A 154 14.05 -2.77 -4.56
C TYR A 154 14.55 -1.66 -3.63
N THR A 155 15.69 -1.90 -2.99
CA THR A 155 16.32 -0.87 -2.17
C THR A 155 17.02 0.14 -3.07
N LEU A 156 16.63 1.40 -2.98
CA LEU A 156 17.13 2.39 -3.93
C LEU A 156 18.44 3.03 -3.46
N LYS A 157 19.21 3.53 -4.42
CA LYS A 157 20.43 4.28 -4.12
C LYS A 157 20.09 5.72 -3.74
N ILE B 7 11.97 -3.08 -31.27
CA ILE B 7 11.00 -2.01 -31.00
C ILE B 7 11.51 -1.03 -29.96
N ASP B 8 12.74 -1.23 -29.49
CA ASP B 8 13.29 -0.37 -28.45
C ASP B 8 13.34 1.09 -28.93
N ASN B 9 13.71 1.29 -30.19
CA ASN B 9 13.79 2.63 -30.78
C ASN B 9 12.44 3.34 -30.78
N PHE B 10 11.36 2.56 -30.78
CA PHE B 10 10.03 3.14 -30.89
C PHE B 10 9.26 3.07 -29.57
N LEU B 11 9.72 2.28 -28.62
CA LEU B 11 8.99 2.19 -27.33
C LEU B 11 9.39 3.34 -26.44
N LYS B 12 8.37 4.00 -25.91
CA LYS B 12 8.58 5.13 -25.00
C LYS B 12 7.83 4.91 -23.70
N ILE B 13 8.49 5.23 -22.59
CA ILE B 13 7.87 5.22 -21.27
C ILE B 13 7.53 6.65 -20.87
N GLU B 14 6.30 6.86 -20.41
CA GLU B 14 5.80 8.19 -20.01
C GLU B 14 5.17 8.12 -18.62
N ARG B 15 5.59 9.02 -17.73
CA ARG B 15 4.94 9.17 -16.43
C ARG B 15 3.78 10.11 -16.64
N LEU B 16 2.57 9.68 -16.31
CA LEU B 16 1.39 10.50 -16.60
C LEU B 16 1.36 11.71 -15.69
N ALA B 17 0.88 12.82 -16.25
CA ALA B 17 0.67 14.08 -15.55
C ALA B 17 -0.84 14.36 -15.46
N GLU B 18 -1.21 15.53 -14.93
CA GLU B 18 -2.61 15.78 -14.61
C GLU B 18 -3.47 16.09 -15.84
N ASN B 19 -2.83 16.41 -16.97
CA ASN B 19 -3.57 16.58 -18.21
C ASN B 19 -3.52 15.31 -19.07
N ASP B 20 -3.32 14.16 -18.44
CA ASP B 20 -3.21 12.87 -19.13
C ASP B 20 -4.37 11.90 -18.82
N LEU B 21 -5.55 12.40 -18.48
CA LEU B 21 -6.69 11.50 -18.23
C LEU B 21 -7.04 10.54 -19.38
N PRO B 22 -6.94 11.00 -20.66
CA PRO B 22 -7.18 10.03 -21.74
C PRO B 22 -6.23 8.83 -21.71
N LYS B 23 -4.96 9.05 -21.41
CA LYS B 23 -4.03 7.94 -21.34
C LYS B 23 -4.25 7.06 -20.10
N PHE B 24 -4.61 7.67 -18.99
CA PHE B 24 -5.01 6.97 -17.77
C PHE B 24 -6.15 6.00 -18.09
N ILE B 25 -7.18 6.49 -18.77
CA ILE B 25 -8.33 5.67 -19.13
C ILE B 25 -7.95 4.52 -20.07
N GLN B 26 -7.09 4.82 -21.02
CA GLN B 26 -6.56 3.80 -21.94
C GLN B 26 -5.86 2.70 -21.16
N LEU B 27 -5.08 3.09 -20.17
CA LEU B 27 -4.39 2.11 -19.32
C LEU B 27 -5.37 1.25 -18.52
N ILE B 28 -6.40 1.87 -17.96
CA ILE B 28 -7.39 1.13 -17.20
C ILE B 28 -8.07 0.10 -18.11
N ARG B 29 -8.32 0.50 -19.36
CA ARG B 29 -8.90 -0.41 -20.34
C ARG B 29 -7.95 -1.57 -20.68
N LEU B 30 -6.65 -1.32 -20.63
CA LEU B 30 -5.66 -2.36 -20.83
C LEU B 30 -5.70 -3.34 -19.64
N PHE B 31 -5.80 -2.78 -18.43
CA PHE B 31 -5.95 -3.60 -17.23
C PHE B 31 -7.18 -4.50 -17.33
N GLU B 32 -8.30 -3.91 -17.77
CA GLU B 32 -9.53 -4.69 -17.86
C GLU B 32 -9.34 -5.88 -18.80
N ALA B 33 -8.63 -5.64 -19.90
CA ALA B 33 -8.37 -6.69 -20.89
C ALA B 33 -7.41 -7.75 -20.36
N VAL B 34 -6.26 -7.30 -19.88
CA VAL B 34 -5.19 -8.21 -19.50
C VAL B 34 -5.60 -9.03 -18.29
N PHE B 35 -6.27 -8.41 -17.34
CA PHE B 35 -6.72 -9.11 -16.15
C PHE B 35 -8.06 -9.82 -16.42
N GLU B 36 -8.60 -9.64 -17.63
CA GLU B 36 -9.86 -10.27 -18.04
C GLU B 36 -11.00 -10.00 -17.05
N MET B 37 -11.14 -8.74 -16.65
CA MET B 37 -12.15 -8.36 -15.67
C MET B 37 -13.55 -8.46 -16.26
N LYS B 38 -14.50 -8.97 -15.47
CA LYS B 38 -15.87 -9.11 -15.96
C LYS B 38 -16.78 -8.03 -15.37
N ASN B 39 -17.70 -7.55 -16.20
CA ASN B 39 -18.73 -6.60 -15.80
C ASN B 39 -18.13 -5.35 -15.15
N PHE B 40 -17.02 -4.88 -15.69
CA PHE B 40 -16.37 -3.70 -15.14
C PHE B 40 -17.03 -2.41 -15.62
N SER B 41 -17.51 -1.61 -14.67
CA SER B 41 -18.00 -0.27 -14.98
CA SER B 41 -17.99 -0.27 -15.00
C SER B 41 -16.99 0.76 -14.48
N ILE B 42 -16.28 1.38 -15.40
CA ILE B 42 -15.21 2.32 -15.06
C ILE B 42 -15.78 3.52 -14.27
N PRO B 43 -15.08 3.95 -13.21
CA PRO B 43 -15.58 5.08 -12.41
C PRO B 43 -15.72 6.33 -13.27
N ASP B 44 -16.46 7.34 -12.81
CA ASP B 44 -16.66 8.51 -13.65
C ASP B 44 -15.35 9.27 -13.79
N SER B 45 -15.28 10.12 -14.80
CA SER B 45 -14.04 10.81 -15.08
C SER B 45 -13.66 11.82 -14.00
N GLU B 46 -14.64 12.33 -13.27
CA GLU B 46 -14.33 13.24 -12.16
C GLU B 46 -13.51 12.50 -11.09
N HIS B 47 -13.88 11.25 -10.81
CA HIS B 47 -13.13 10.47 -9.83
C HIS B 47 -11.72 10.17 -10.31
N LEU B 48 -11.60 9.65 -11.53
CA LEU B 48 -10.30 9.31 -12.07
C LEU B 48 -9.41 10.55 -12.13
N GLN B 49 -9.99 11.69 -12.50
CA GLN B 49 -9.20 12.92 -12.57
C GLN B 49 -8.69 13.30 -11.17
N LYS B 50 -9.54 13.18 -10.16
CA LYS B 50 -9.11 13.53 -8.81
C LYS B 50 -7.96 12.65 -8.35
N LEU B 51 -8.03 11.36 -8.68
CA LEU B 51 -6.97 10.42 -8.34
C LEU B 51 -5.67 10.77 -9.06
N LEU B 52 -5.78 11.03 -10.35
CA LEU B 52 -4.61 11.43 -11.14
C LEU B 52 -3.95 12.69 -10.56
N ASN B 53 -4.76 13.58 -10.01
CA ASN B 53 -4.31 14.83 -9.39
C ASN B 53 -3.69 14.70 -7.99
N GLN B 54 -3.65 13.48 -7.45
CA GLN B 54 -3.08 13.30 -6.11
C GLN B 54 -1.55 13.31 -6.13
N ASN B 55 -0.94 13.86 -5.09
CA ASN B 55 0.53 13.89 -5.00
C ASN B 55 1.15 12.58 -4.49
N ASN B 56 0.32 11.55 -4.33
CA ASN B 56 0.78 10.30 -3.75
C ASN B 56 0.52 9.12 -4.69
N PHE B 57 0.25 9.45 -5.95
CA PHE B 57 -0.13 8.44 -6.92
C PHE B 57 0.59 8.73 -8.24
N TYR B 58 1.29 7.73 -8.77
CA TYR B 58 2.03 7.90 -10.03
C TYR B 58 1.81 6.71 -10.97
N VAL B 59 1.54 7.05 -12.23
CA VAL B 59 1.26 6.10 -13.29
C VAL B 59 2.33 6.22 -14.37
N PHE B 60 2.86 5.08 -14.80
CA PHE B 60 3.79 5.03 -15.92
C PHE B 60 3.14 4.21 -17.04
N VAL B 61 3.26 4.65 -18.29
CA VAL B 61 2.69 3.90 -19.40
C VAL B 61 3.76 3.60 -20.45
N ALA B 62 3.55 2.55 -21.22
CA ALA B 62 4.47 2.19 -22.26
C ALA B 62 3.78 2.47 -23.58
N LEU B 63 4.46 3.17 -24.47
CA LEU B 63 3.84 3.62 -25.69
C LEU B 63 4.56 3.16 -26.93
N LEU B 64 3.79 2.65 -27.87
CA LEU B 64 4.25 2.39 -29.21
C LEU B 64 3.52 3.37 -30.10
N GLU B 65 4.25 4.38 -30.57
CA GLU B 65 3.64 5.57 -31.15
C GLU B 65 2.65 6.17 -30.17
N ASN B 66 1.38 6.26 -30.55
CA ASN B 66 0.39 6.80 -29.62
C ASN B 66 -0.44 5.71 -28.94
N LYS B 67 0.02 4.47 -29.04
CA LYS B 67 -0.74 3.37 -28.49
C LYS B 67 -0.15 2.87 -27.17
N ILE B 68 -0.98 2.88 -26.13
CA ILE B 68 -0.60 2.33 -24.83
C ILE B 68 -0.55 0.81 -24.94
N VAL B 69 0.60 0.22 -24.69
CA VAL B 69 0.71 -1.24 -24.76
C VAL B 69 1.09 -1.83 -23.39
N GLY B 70 1.22 -0.96 -22.39
CA GLY B 70 1.44 -1.41 -21.04
C GLY B 70 1.43 -0.27 -20.06
N GLY B 71 1.43 -0.58 -18.78
CA GLY B 71 1.49 0.49 -17.78
C GLY B 71 1.59 -0.07 -16.38
N LEU B 72 1.83 0.82 -15.42
CA LEU B 72 1.74 0.44 -14.03
C LEU B 72 1.36 1.63 -13.19
N THR B 73 0.66 1.32 -12.09
CA THR B 73 0.22 2.32 -11.14
C THR B 73 1.01 2.11 -9.85
N SER B 74 1.23 3.20 -9.12
CA SER B 74 1.98 3.12 -7.88
C SER B 74 1.52 4.16 -6.86
N TYR B 75 1.62 3.81 -5.58
CA TYR B 75 1.21 4.72 -4.49
C TYR B 75 2.39 5.09 -3.62
N VAL B 76 2.44 6.35 -3.21
CA VAL B 76 3.47 6.80 -2.28
C VAL B 76 3.02 6.52 -0.85
N LEU B 77 3.91 5.97 -0.05
CA LEU B 77 3.62 5.76 1.35
C LEU B 77 4.66 6.48 2.19
N GLU B 78 4.33 7.66 2.68
CA GLU B 78 5.23 8.39 3.56
CA GLU B 78 5.24 8.38 3.56
C GLU B 78 5.43 7.59 4.84
N GLN B 79 6.69 7.55 5.31
CA GLN B 79 7.05 6.73 6.46
C GLN B 79 7.20 7.55 7.75
N TYR B 80 7.00 6.86 8.87
CA TYR B 80 7.28 7.40 10.20
C TYR B 80 8.57 6.80 10.76
N TYR B 81 9.11 5.78 10.08
CA TYR B 81 10.42 5.24 10.46
C TYR B 81 11.57 5.99 9.76
N SER B 82 11.21 6.82 8.80
CA SER B 82 12.19 7.48 7.96
C SER B 82 11.58 8.70 7.30
N GLU B 83 12.41 9.67 6.95
CA GLU B 83 11.97 10.79 6.13
C GLU B 83 11.88 10.39 4.67
N LYS B 84 12.52 9.28 4.32
CA LYS B 84 12.47 8.77 2.95
C LYS B 84 11.23 7.91 2.73
N PRO B 85 10.39 8.31 1.78
CA PRO B 85 9.16 7.54 1.56
C PRO B 85 9.38 6.21 0.82
N LEU B 86 8.34 5.38 0.85
CA LEU B 86 8.28 4.13 0.09
C LEU B 86 7.29 4.29 -1.07
N ALA B 87 7.50 3.51 -2.13
CA ALA B 87 6.55 3.39 -3.23
C ALA B 87 6.02 1.96 -3.38
N TYR B 88 4.72 1.87 -3.60
CA TYR B 88 4.01 0.60 -3.70
C TYR B 88 3.47 0.49 -5.12
N ILE B 89 4.08 -0.36 -5.93
CA ILE B 89 3.54 -0.69 -7.25
C ILE B 89 2.33 -1.57 -7.09
N TYR B 90 1.18 -1.11 -7.55
CA TYR B 90 -0.06 -1.81 -7.29
C TYR B 90 -0.42 -2.73 -8.46
N ASP B 91 -0.50 -2.17 -9.66
CA ASP B 91 -0.83 -2.95 -10.84
C ASP B 91 0.27 -2.79 -11.88
N LEU B 92 0.60 -3.88 -12.59
CA LEU B 92 1.47 -3.82 -13.76
C LEU B 92 0.95 -4.80 -14.81
N ALA B 93 0.82 -4.33 -16.04
CA ALA B 93 0.34 -5.19 -17.12
C ALA B 93 0.92 -4.75 -18.45
N VAL B 94 1.10 -5.70 -19.35
CA VAL B 94 1.47 -5.41 -20.73
C VAL B 94 0.46 -6.11 -21.63
N ASP B 95 -0.02 -5.40 -22.65
CA ASP B 95 -0.91 -5.98 -23.67
C ASP B 95 -0.45 -7.38 -24.09
N THR B 96 -1.38 -8.32 -24.19
CA THR B 96 -1.02 -9.71 -24.48
C THR B 96 -0.27 -9.86 -25.80
N ASN B 97 -0.58 -9.01 -26.77
CA ASN B 97 0.11 -9.06 -28.05
C ASN B 97 1.55 -8.59 -27.97
N TRP B 98 1.89 -7.89 -26.89
CA TRP B 98 3.20 -7.26 -26.78
C TRP B 98 4.02 -7.78 -25.60
N GLN B 99 3.57 -8.86 -24.96
CA GLN B 99 4.30 -9.40 -23.82
C GLN B 99 5.58 -10.08 -24.28
N ARG B 100 6.52 -10.22 -23.35
CA ARG B 100 7.77 -10.96 -23.59
C ARG B 100 8.67 -10.28 -24.63
N GLN B 101 8.59 -8.95 -24.67
CA GLN B 101 9.42 -8.15 -25.57
C GLN B 101 10.16 -7.04 -24.80
N GLY B 102 10.14 -7.14 -23.47
CA GLY B 102 10.95 -6.29 -22.61
C GLY B 102 10.24 -5.06 -22.06
N ILE B 103 8.96 -4.94 -22.34
CA ILE B 103 8.18 -3.78 -21.91
C ILE B 103 8.02 -3.74 -20.41
N GLY B 104 7.68 -4.88 -19.82
CA GLY B 104 7.51 -4.95 -18.38
C GLY B 104 8.79 -4.52 -17.68
N LYS B 105 9.92 -4.99 -18.18
CA LYS B 105 11.18 -4.63 -17.57
C LYS B 105 11.45 -3.15 -17.66
N LYS B 106 11.11 -2.54 -18.79
CA LYS B 106 11.38 -1.12 -18.98
C LYS B 106 10.48 -0.28 -18.04
N LEU B 107 9.25 -0.72 -17.83
CA LEU B 107 8.36 -0.07 -16.88
C LEU B 107 8.88 -0.11 -15.44
N ILE B 108 9.34 -1.28 -15.01
CA ILE B 108 9.94 -1.40 -13.67
C ILE B 108 11.18 -0.48 -13.56
N THR B 109 12.07 -0.59 -14.55
CA THR B 109 13.27 0.21 -14.58
C THR B 109 12.96 1.71 -14.46
N ALA B 110 12.05 2.18 -15.31
CA ALA B 110 11.66 3.59 -15.28
C ALA B 110 11.07 3.99 -13.91
N THR B 111 10.32 3.08 -13.31
CA THR B 111 9.62 3.39 -12.07
C THR B 111 10.64 3.54 -10.94
N ASN B 112 11.58 2.62 -10.87
CA ASN B 112 12.60 2.70 -9.84
C ASN B 112 13.54 3.87 -10.05
N GLN B 113 13.83 4.19 -11.30
CA GLN B 113 14.70 5.34 -11.53
C GLN B 113 14.01 6.62 -11.02
N PHE B 114 12.74 6.76 -11.33
CA PHE B 114 11.96 7.93 -10.90
C PHE B 114 11.97 8.10 -9.38
N TYR B 115 11.63 7.03 -8.66
CA TYR B 115 11.59 7.13 -7.21
C TYR B 115 12.99 7.25 -6.62
N THR B 116 14.00 6.83 -7.36
CA THR B 116 15.38 7.02 -6.93
C THR B 116 15.73 8.51 -7.03
N GLU B 117 15.32 9.15 -8.13
CA GLU B 117 15.55 10.59 -8.28
C GLU B 117 14.81 11.34 -7.17
N LYS B 118 13.66 10.82 -6.77
CA LYS B 118 12.87 11.48 -5.73
C LYS B 118 13.40 11.21 -4.33
N GLY B 119 14.40 10.33 -4.21
CA GLY B 119 15.01 10.08 -2.92
C GLY B 119 14.24 9.13 -2.02
N PHE B 120 13.42 8.27 -2.61
CA PHE B 120 12.67 7.25 -1.89
C PHE B 120 13.59 6.18 -1.31
N GLU B 121 13.21 5.59 -0.19
CA GLU B 121 14.00 4.51 0.39
C GLU B 121 13.92 3.22 -0.44
N GLU B 122 12.74 2.91 -0.96
CA GLU B 122 12.48 1.59 -1.48
C GLU B 122 11.17 1.54 -2.26
N VAL B 123 11.12 0.67 -3.27
CA VAL B 123 9.89 0.40 -4.00
C VAL B 123 9.55 -1.08 -3.79
N PHE B 124 8.29 -1.40 -3.54
CA PHE B 124 7.91 -2.81 -3.46
C PHE B 124 6.68 -3.12 -4.31
N VAL B 125 6.55 -4.41 -4.62
CA VAL B 125 5.51 -4.90 -5.51
C VAL B 125 5.25 -6.33 -5.07
N GLN B 126 4.03 -6.79 -5.33
CA GLN B 126 3.67 -8.13 -4.88
C GLN B 126 3.05 -8.94 -6.01
N ALA B 127 3.08 -10.25 -5.83
CA ALA B 127 2.43 -11.15 -6.76
C ALA B 127 1.88 -12.35 -6.01
N ASP B 128 0.78 -12.92 -6.50
CA ASP B 128 0.22 -14.12 -5.87
C ASP B 128 1.18 -15.30 -6.00
N LYS B 129 1.29 -16.10 -4.95
CA LYS B 129 2.22 -17.21 -4.96
C LYS B 129 1.92 -18.23 -6.06
N VAL B 130 0.65 -18.40 -6.41
CA VAL B 130 0.29 -19.34 -7.48
C VAL B 130 0.49 -18.76 -8.89
N ASP B 131 0.89 -17.50 -9.00
CA ASP B 131 1.07 -16.86 -10.31
C ASP B 131 2.52 -17.03 -10.75
N ASP B 132 2.86 -18.23 -11.21
CA ASP B 132 4.25 -18.56 -11.50
C ASP B 132 4.90 -17.63 -12.51
N TYR B 133 4.12 -17.17 -13.48
CA TYR B 133 4.68 -16.36 -14.56
C TYR B 133 4.98 -14.96 -14.08
N ALA B 134 4.15 -14.45 -13.19
CA ALA B 134 4.44 -13.17 -12.57
C ALA B 134 5.67 -13.25 -11.64
N LEU B 135 5.80 -14.34 -10.90
CA LEU B 135 6.96 -14.51 -10.02
C LEU B 135 8.22 -14.57 -10.86
N ASP B 136 8.16 -15.36 -11.92
CA ASP B 136 9.25 -15.45 -12.89
C ASP B 136 9.65 -14.04 -13.30
N PHE B 137 8.65 -13.22 -13.61
CA PHE B 137 8.94 -11.89 -14.14
C PHE B 137 9.64 -11.02 -13.12
N TYR B 138 9.06 -10.91 -11.92
CA TYR B 138 9.65 -10.04 -10.91
C TYR B 138 11.05 -10.50 -10.56
N ARG B 139 11.27 -11.80 -10.50
CA ARG B 139 12.59 -12.30 -10.18
C ARG B 139 13.63 -11.92 -11.24
N SER B 140 13.19 -11.67 -12.48
CA SER B 140 14.11 -11.33 -13.57
C SER B 140 14.50 -9.86 -13.55
N THR B 141 13.78 -9.06 -12.78
CA THR B 141 14.05 -7.63 -12.68
C THR B 141 15.10 -7.34 -11.60
N LYS B 142 15.67 -8.41 -11.07
CA LYS B 142 16.69 -8.33 -10.03
C LYS B 142 16.27 -7.50 -8.82
N PRO B 143 15.19 -7.90 -8.14
CA PRO B 143 14.86 -7.17 -6.93
C PRO B 143 15.92 -7.39 -5.85
N THR B 144 15.96 -6.51 -4.86
CA THR B 144 16.92 -6.65 -3.76
C THR B 144 16.64 -7.92 -2.98
N ALA B 145 15.38 -8.15 -2.68
CA ALA B 145 14.97 -9.31 -1.90
C ALA B 145 13.51 -9.65 -2.17
N GLU B 146 13.11 -10.84 -1.74
CA GLU B 146 11.73 -11.27 -1.83
C GLU B 146 11.37 -11.95 -0.52
N GLU B 147 10.13 -11.76 -0.09
CA GLU B 147 9.66 -12.36 1.15
C GLU B 147 8.34 -13.05 0.90
N GLN B 148 8.11 -14.16 1.60
CA GLN B 148 6.82 -14.82 1.61
C GLN B 148 5.94 -14.14 2.64
N VAL B 149 4.74 -13.78 2.21
CA VAL B 149 3.80 -13.00 3.02
C VAL B 149 2.43 -13.63 2.89
N VAL B 150 1.62 -13.54 3.95
CA VAL B 150 0.22 -13.89 3.86
C VAL B 150 -0.61 -12.61 3.86
N HIS B 151 -1.54 -12.54 2.91
CA HIS B 151 -2.34 -11.35 2.70
C HIS B 151 -3.78 -11.59 3.15
N PHE B 152 -4.25 -10.80 4.12
CA PHE B 152 -5.62 -10.93 4.61
C PHE B 152 -6.47 -9.75 4.17
N TYR B 153 -7.73 -9.99 3.80
CA TYR B 153 -8.62 -8.86 3.61
C TYR B 153 -10.01 -9.01 4.24
N TYR B 154 -10.58 -7.84 4.49
CA TYR B 154 -11.89 -7.70 5.08
C TYR B 154 -12.80 -6.98 4.09
N THR B 155 -13.73 -7.70 3.46
CA THR B 155 -14.68 -7.03 2.57
C THR B 155 -15.72 -6.31 3.41
N LEU B 156 -15.82 -5.00 3.22
CA LEU B 156 -16.67 -4.21 4.11
C LEU B 156 -18.11 -4.25 3.64
N LYS B 157 -19.04 -4.06 4.57
CA LYS B 157 -20.45 -4.01 4.25
C LYS B 157 -20.84 -2.65 3.68
MG MG C . -6.63 12.99 20.22
CL CL D . 10.09 10.01 21.96
N1A COA E . -0.43 -13.66 20.14
C2A COA E . -1.51 -12.91 19.93
N3A COA E . -2.69 -13.42 19.57
C4A COA E . -2.83 -14.75 19.41
C5A COA E . -1.72 -15.61 19.63
C6A COA E . -0.47 -14.99 20.01
N6A COA E . 0.68 -15.79 20.25
N7A COA E . -2.14 -16.89 19.40
C8A COA E . -3.45 -16.84 19.06
N9A COA E . -3.87 -15.56 19.06
C1B COA E . -5.22 -15.10 18.74
C2B COA E . -6.29 -15.63 19.91
O2B COA E . -7.28 -16.49 19.28
C3B COA E . -6.80 -14.57 20.41
O3B COA E . -8.15 -14.78 21.03
P3B COA E . -8.17 -15.56 22.41
O7A COA E . -9.56 -15.50 23.00
O8A COA E . -7.74 -16.99 22.14
O9A COA E . -7.20 -14.93 23.37
C4B COA E . -6.75 -13.52 19.26
O4B COA E . -5.35 -13.82 18.64
C5B COA E . -6.94 -12.22 19.73
O5B COA E . -5.85 -11.86 20.51
P1A COA E . -5.61 -10.41 21.01
O1A COA E . -5.54 -10.42 22.52
O2A COA E . -6.62 -9.42 20.52
O3A COA E . -4.17 -10.11 20.53
P2A COA E . -3.17 -9.00 20.91
O4A COA E . -3.86 -7.83 21.59
O5A COA E . -2.02 -9.54 21.73
O6A COA E . -2.70 -8.68 19.38
CBP COA E . -0.67 -8.34 18.26
CCP COA E . -1.79 -7.64 19.04
CDP COA E . -0.20 -7.39 17.15
CEP COA E . -1.15 -9.65 17.68
CAP COA E . 0.41 -8.59 19.30
OAP COA E . 0.50 -9.94 19.69
C9P COA E . 1.75 -8.05 18.89
O9P COA E . 1.96 -6.85 18.96
N8P COA E . 2.74 -8.96 18.46
C7P COA E . 4.08 -8.50 18.08
C6P COA E . 3.96 -7.53 16.91
C5P COA E . 3.29 -8.09 15.67
O5P COA E . 3.61 -9.20 15.27
N4P COA E . 2.29 -7.30 15.01
C3P COA E . 1.64 -7.79 13.80
C2P COA E . 2.64 -7.63 12.63
S1P COA E . 2.88 -5.89 12.18
MG MG F . -9.09 -18.01 20.43
N1A COA G . 5.82 -16.69 -18.73
C2A COA G . 6.19 -15.98 -17.66
N3A COA G . 7.30 -15.26 -17.59
C4A COA G . 8.10 -15.26 -18.66
C5A COA G . 7.79 -15.96 -19.84
C6A COA G . 6.57 -16.71 -19.82
N6A COA G . 6.19 -17.44 -20.95
N7A COA G . 8.79 -15.73 -20.75
C8A COA G . 9.69 -14.93 -20.16
N9A COA G . 9.27 -14.65 -18.91
C1B COA G . 9.86 -13.80 -17.91
C2B COA G . 11.50 -13.78 -18.02
O2B COA G . 12.00 -14.36 -16.80
C3B COA G . 11.82 -12.55 -18.14
O3B COA G . 13.08 -12.28 -18.89
P3B COA G . 14.34 -13.24 -19.00
O7A COA G . 14.27 -14.45 -18.10
O8A COA G . 15.59 -12.48 -18.63
O9A COA G . 14.44 -13.68 -20.42
C4B COA G . 10.58 -11.86 -18.79
O4B COA G . 9.43 -12.63 -18.12
C5B COA G . 10.42 -10.52 -18.47
O5B COA G . 10.60 -9.67 -19.55
P1A COA G . 9.50 -8.69 -20.09
O1A COA G . 9.50 -8.90 -21.59
O2A COA G . 9.85 -7.27 -19.78
O3A COA G . 8.08 -9.07 -19.58
P2A COA G . 6.68 -8.49 -19.99
O4A COA G . 5.79 -9.61 -20.54
O5A COA G . 6.70 -7.33 -20.96
O6A COA G . 6.15 -7.96 -18.56
CBP COA G . 4.19 -8.58 -17.57
CCP COA G . 4.79 -7.55 -18.50
CDP COA G . 5.39 -9.41 -17.06
CEP COA G . 3.53 -7.78 -16.47
CAP COA G . 3.24 -9.35 -18.46
OAP COA G . 3.75 -10.59 -18.94
C9P COA G . 1.79 -9.38 -18.02
O9P COA G . 1.13 -8.36 -18.08
N8P COA G . 1.23 -10.59 -17.57
C7P COA G . -0.20 -10.67 -17.16
C6P COA G . -0.50 -9.73 -16.02
C5P COA G . 0.37 -9.82 -14.79
O5P COA G . 0.63 -10.90 -14.34
N4P COA G . 0.88 -8.63 -14.15
C3P COA G . 1.71 -8.71 -12.95
C2P COA G . 0.81 -8.78 -11.68
S1P COA G . -0.26 -7.31 -11.54
MG MG H . 1.61 13.37 -20.89
#